data_4L4P
#
_entry.id   4L4P
#
_cell.length_a   42.303
_cell.length_b   80.796
_cell.length_c   115.276
_cell.angle_alpha   90.000
_cell.angle_beta   90.000
_cell.angle_gamma   90.000
#
_symmetry.space_group_name_H-M   'P 21 21 21'
#
loop_
_entity.id
_entity.type
_entity.pdbx_description
1 polymer Endo-1,4-beta-xylanase
2 branched beta-D-xylopyranose-(1-4)-beta-D-xylopyranose-(1-4)-beta-D-xylopyranose
3 water water
#
_entity_poly.entity_id   1
_entity_poly.type   'polypeptide(L)'
_entity_poly.pdbx_seq_one_letter_code
;MSEDYYEKSTVSLTEKYKEFFKIGAAVTVKDFEGIHGRILTKHFNSLTPENDMKFERIHPKEDFYNFEATDKIKDFALKH
NMQLRGHTLVWHNQTPEWVFRDNDKEAPKELVIERLREHIKTICTRYRDVVYSWDVVNAAVEDKTDVLLRDSKWRRIIGD
DYIKIAFEIAKKYTGNGKLFYNDYNNEMPYKLEKTYKVLKSLLEEGTPIDGVGIQAHWNIWDKNLIDNLKRAIETYASLG
LEIQITELDISVFEFEDRRTDLLEPTEEMVELQAKVYEDVFRVFREYRDVITSVTLWGISDRHTWKDNFPVIGRKDWPLL
FDIDGKPKKAFFRIIDFLEHHHHHH
;
_entity_poly.pdbx_strand_id   A
#
loop_
_chem_comp.id
_chem_comp.type
_chem_comp.name
_chem_comp.formula
XYP D-saccharide, beta linking beta-D-xylopyranose 'C5 H10 O5'
#
# COMPACT_ATOMS: atom_id res chain seq x y z
N THR A 10 -1.79 1.00 27.78
CA THR A 10 -1.28 -0.22 27.13
C THR A 10 -2.03 -0.40 25.84
N VAL A 11 -3.10 -1.17 25.88
CA VAL A 11 -4.10 -1.14 24.84
C VAL A 11 -3.51 -1.22 23.44
N SER A 12 -2.89 -2.32 23.15
CA SER A 12 -2.34 -2.53 21.83
C SER A 12 -3.42 -2.49 20.76
N LEU A 13 -3.09 -1.81 19.66
CA LEU A 13 -3.97 -1.39 18.59
C LEU A 13 -4.57 -2.57 17.87
N THR A 14 -3.72 -3.54 17.58
CA THR A 14 -4.18 -4.75 16.90
C THR A 14 -5.26 -5.46 17.72
N GLU A 15 -5.06 -5.58 19.04
CA GLU A 15 -6.05 -6.22 19.93
C GLU A 15 -7.36 -5.46 19.96
N LYS A 16 -7.28 -4.15 20.19
CA LYS A 16 -8.44 -3.28 20.19
C LYS A 16 -9.26 -3.42 18.90
N TYR A 17 -8.57 -3.55 17.77
CA TYR A 17 -9.21 -3.69 16.47
C TYR A 17 -9.30 -5.15 15.97
N LYS A 18 -9.06 -6.10 16.86
CA LYS A 18 -9.03 -7.53 16.48
C LYS A 18 -10.29 -8.04 15.77
N GLU A 19 -11.45 -7.49 16.13
CA GLU A 19 -12.72 -7.92 15.53
C GLU A 19 -13.16 -7.07 14.31
N PHE A 20 -12.33 -6.12 13.88
CA PHE A 20 -12.68 -5.20 12.79
C PHE A 20 -11.89 -5.48 11.50
N PHE A 21 -10.57 -5.43 11.64
CA PHE A 21 -9.66 -5.67 10.53
C PHE A 21 -8.25 -5.81 11.08
N LYS A 22 -7.36 -6.31 10.24
CA LYS A 22 -5.95 -6.38 10.56
C LYS A 22 -5.41 -4.97 10.67
N ILE A 23 -4.39 -4.79 11.50
CA ILE A 23 -3.73 -3.49 11.64
C ILE A 23 -2.26 -3.64 11.25
N GLY A 24 -1.88 -2.95 10.17
CA GLY A 24 -0.57 -3.14 9.57
C GLY A 24 0.37 -1.95 9.58
N ALA A 25 1.64 -2.23 9.33
CA ALA A 25 2.69 -1.22 9.25
C ALA A 25 3.69 -1.57 8.15
N ALA A 26 4.09 -0.56 7.38
CA ALA A 26 5.18 -0.69 6.41
C ALA A 26 6.49 -0.82 7.16
N VAL A 27 7.33 -1.77 6.75
CA VAL A 27 8.55 -2.07 7.49
C VAL A 27 9.78 -2.33 6.62
N THR A 28 10.95 -2.15 7.23
CA THR A 28 12.23 -2.66 6.73
C THR A 28 12.87 -3.51 7.86
N VAL A 29 13.96 -4.21 7.54
CA VAL A 29 14.60 -5.15 8.48
C VAL A 29 15.03 -4.49 9.81
N LYS A 30 15.54 -3.27 9.72
CA LYS A 30 15.99 -2.55 10.92
C LYS A 30 14.84 -2.23 11.90
N ASP A 31 13.59 -2.29 11.43
CA ASP A 31 12.41 -2.02 12.26
C ASP A 31 12.08 -3.10 13.28
N PHE A 32 12.77 -4.24 13.20
CA PHE A 32 12.54 -5.34 14.13
C PHE A 32 13.35 -5.17 15.42
N GLU A 33 14.19 -4.14 15.44
CA GLU A 33 15.03 -3.80 16.58
C GLU A 33 14.46 -2.68 17.43
N GLY A 34 14.98 -2.61 18.66
CA GLY A 34 14.77 -1.47 19.53
C GLY A 34 13.33 -1.13 19.77
N ILE A 35 13.05 0.17 19.75
CA ILE A 35 11.73 0.69 20.09
C ILE A 35 10.70 0.36 19.01
N HIS A 36 11.12 0.40 17.74
CA HIS A 36 10.26 0.03 16.61
C HIS A 36 9.80 -1.41 16.69
N GLY A 37 10.72 -2.30 17.04
CA GLY A 37 10.41 -3.72 17.22
C GLY A 37 9.38 -3.98 18.30
N ARG A 38 9.45 -3.20 19.37
CA ARG A 38 8.47 -3.31 20.46
C ARG A 38 7.10 -2.75 20.09
N ILE A 39 7.08 -1.64 19.34
CA ILE A 39 5.80 -1.11 18.85
C ILE A 39 5.11 -2.13 17.94
N LEU A 40 5.86 -2.70 17.01
CA LEU A 40 5.30 -3.69 16.07
C LEU A 40 4.65 -4.88 16.78
N THR A 41 5.40 -5.53 17.65
CA THR A 41 4.91 -6.73 18.36
C THR A 41 3.76 -6.41 19.30
N LYS A 42 3.76 -5.20 19.86
CA LYS A 42 2.64 -4.71 20.68
C LYS A 42 1.39 -4.48 19.85
N HIS A 43 1.51 -3.66 18.80
CA HIS A 43 0.35 -3.04 18.16
C HIS A 43 -0.05 -3.53 16.80
N PHE A 44 0.79 -4.33 16.16
CA PHE A 44 0.56 -4.68 14.75
C PHE A 44 0.59 -6.18 14.51
N ASN A 45 -0.34 -6.65 13.68
CA ASN A 45 -0.37 -8.06 13.28
C ASN A 45 -0.25 -8.25 11.76
N SER A 46 -0.03 -7.14 11.05
CA SER A 46 0.25 -7.16 9.62
C SER A 46 1.50 -6.33 9.29
N LEU A 47 2.32 -6.84 8.36
CA LEU A 47 3.52 -6.14 7.90
C LEU A 47 3.54 -6.03 6.38
N THR A 48 3.96 -4.87 5.86
CA THR A 48 4.21 -4.70 4.43
C THR A 48 5.66 -4.29 4.24
N PRO A 49 6.43 -5.06 3.44
CA PRO A 49 7.78 -4.58 3.11
C PRO A 49 7.69 -3.26 2.36
N GLU A 50 8.29 -2.21 2.92
CA GLU A 50 8.19 -0.88 2.33
C GLU A 50 8.81 -0.82 0.94
N ASN A 51 9.94 -1.51 0.77
CA ASN A 51 10.67 -1.56 -0.49
C ASN A 51 11.20 -2.93 -0.93
N ASP A 52 11.36 -3.86 0.00
CA ASP A 52 12.19 -5.04 -0.27
C ASP A 52 11.59 -6.08 -1.19
N MET A 53 10.26 -6.03 -1.36
CA MET A 53 9.57 -6.93 -2.29
C MET A 53 9.33 -6.31 -3.65
N LYS A 54 9.72 -5.04 -3.84
CA LYS A 54 9.56 -4.40 -5.14
C LYS A 54 10.54 -5.01 -6.14
N PHE A 55 10.13 -5.00 -7.40
CA PHE A 55 10.84 -5.70 -8.46
C PHE A 55 12.34 -5.36 -8.49
N GLU A 56 12.67 -4.07 -8.51
CA GLU A 56 14.10 -3.64 -8.56
C GLU A 56 14.95 -4.17 -7.40
N ARG A 57 14.35 -4.36 -6.24
CA ARG A 57 15.09 -4.78 -5.06
C ARG A 57 15.23 -6.30 -4.99
N ILE A 58 14.12 -6.99 -5.19
CA ILE A 58 14.10 -8.45 -5.07
C ILE A 58 14.61 -9.17 -6.32
N HIS A 59 14.60 -8.51 -7.48
CA HIS A 59 14.91 -9.15 -8.75
C HIS A 59 15.65 -8.15 -9.65
N PRO A 60 16.85 -7.70 -9.21
CA PRO A 60 17.55 -6.61 -9.91
C PRO A 60 18.14 -6.96 -11.28
N LYS A 61 18.40 -8.23 -11.54
CA LYS A 61 18.93 -8.68 -12.82
C LYS A 61 18.21 -9.98 -13.12
N GLU A 62 18.10 -10.36 -14.39
CA GLU A 62 17.27 -11.53 -14.74
C GLU A 62 17.64 -12.80 -13.98
N ASP A 63 18.93 -13.03 -13.83
CA ASP A 63 19.40 -14.25 -13.18
C ASP A 63 19.75 -14.06 -11.70
N PHE A 64 19.25 -12.99 -11.08
CA PHE A 64 19.63 -12.68 -9.71
C PHE A 64 18.45 -12.17 -8.90
N TYR A 65 18.05 -12.98 -7.94
CA TYR A 65 17.08 -12.59 -6.92
C TYR A 65 17.79 -12.29 -5.62
N ASN A 66 17.24 -11.35 -4.87
CA ASN A 66 17.74 -11.00 -3.57
C ASN A 66 16.67 -11.22 -2.52
N PHE A 67 16.73 -12.37 -1.86
CA PHE A 67 15.68 -12.75 -0.91
C PHE A 67 16.02 -12.42 0.55
N GLU A 68 17.24 -11.98 0.84
CA GLU A 68 17.66 -11.87 2.24
C GLU A 68 16.69 -11.05 3.09
N ALA A 69 16.39 -9.84 2.64
CA ALA A 69 15.55 -8.94 3.42
C ALA A 69 14.12 -9.46 3.57
N THR A 70 13.52 -9.89 2.46
CA THR A 70 12.15 -10.40 2.50
C THR A 70 12.03 -11.69 3.34
N ASP A 71 13.07 -12.53 3.33
CA ASP A 71 13.11 -13.73 4.19
C ASP A 71 13.11 -13.34 5.67
N LYS A 72 13.89 -12.32 6.00
CA LYS A 72 13.96 -11.83 7.37
C LYS A 72 12.61 -11.28 7.80
N ILE A 73 11.94 -10.55 6.91
CA ILE A 73 10.60 -10.01 7.20
C ILE A 73 9.60 -11.16 7.39
N LYS A 74 9.62 -12.15 6.50
CA LYS A 74 8.76 -13.33 6.64
C LYS A 74 8.97 -14.03 7.99
N ASP A 75 10.23 -14.25 8.33
CA ASP A 75 10.59 -14.98 9.55
C ASP A 75 10.09 -14.24 10.80
N PHE A 76 10.39 -12.94 10.89
CA PHE A 76 9.88 -12.11 11.98
C PHE A 76 8.35 -12.20 12.10
N ALA A 77 7.65 -12.08 10.97
CA ALA A 77 6.19 -12.21 10.97
C ALA A 77 5.72 -13.57 11.52
N LEU A 78 6.29 -14.65 11.01
CA LEU A 78 5.92 -16.00 11.47
C LEU A 78 6.18 -16.18 12.97
N LYS A 79 7.32 -15.67 13.44
CA LYS A 79 7.70 -15.80 14.86
C LYS A 79 6.83 -14.98 15.80
N HIS A 80 6.08 -14.03 15.25
CA HIS A 80 5.22 -13.16 16.05
C HIS A 80 3.77 -13.19 15.62
N ASN A 81 3.36 -14.28 14.98
CA ASN A 81 1.98 -14.47 14.53
C ASN A 81 1.45 -13.29 13.73
N MET A 82 2.27 -12.81 12.80
CA MET A 82 1.86 -11.75 11.90
C MET A 82 1.83 -12.31 10.48
N GLN A 83 1.12 -11.59 9.61
CA GLN A 83 1.14 -11.92 8.17
C GLN A 83 1.57 -10.71 7.34
N LEU A 84 1.89 -10.97 6.07
CA LEU A 84 2.42 -9.94 5.19
C LEU A 84 1.45 -9.53 4.09
N ARG A 85 1.57 -8.29 3.65
CA ARG A 85 1.00 -7.87 2.38
C ARG A 85 2.16 -7.90 1.36
N GLY A 86 1.92 -8.57 0.24
CA GLY A 86 2.91 -8.65 -0.83
C GLY A 86 2.87 -7.42 -1.72
N HIS A 87 3.81 -6.51 -1.50
CA HIS A 87 3.83 -5.22 -2.21
C HIS A 87 5.17 -5.10 -2.92
N THR A 88 5.22 -5.07 -4.25
CA THR A 88 4.10 -5.13 -5.20
C THR A 88 4.66 -5.80 -6.47
N LEU A 89 3.81 -6.46 -7.26
CA LEU A 89 4.32 -7.24 -8.38
C LEU A 89 4.57 -6.39 -9.64
N VAL A 90 3.57 -5.60 -10.01
CA VAL A 90 3.61 -4.84 -11.24
C VAL A 90 3.38 -3.37 -10.93
N TRP A 91 4.41 -2.56 -11.15
CA TRP A 91 4.34 -1.12 -10.91
C TRP A 91 5.24 -0.41 -11.91
N HIS A 92 4.85 0.79 -12.35
CA HIS A 92 5.71 1.59 -13.25
C HIS A 92 6.98 2.13 -12.60
N ASN A 93 7.02 2.19 -11.26
CA ASN A 93 8.24 2.61 -10.56
C ASN A 93 9.04 1.44 -10.01
N GLN A 94 10.31 1.70 -9.69
CA GLN A 94 11.19 0.74 -8.99
C GLN A 94 11.12 -0.64 -9.63
N THR A 95 11.19 -0.64 -10.96
CA THR A 95 11.20 -1.87 -11.76
C THR A 95 12.41 -1.71 -12.66
N PRO A 96 13.28 -2.73 -12.71
CA PRO A 96 14.56 -2.60 -13.43
C PRO A 96 14.40 -2.65 -14.94
N GLU A 97 15.27 -1.95 -15.65
CA GLU A 97 15.14 -1.84 -17.11
C GLU A 97 15.34 -3.15 -17.88
N TRP A 98 16.01 -4.15 -17.28
CA TRP A 98 16.27 -5.42 -18.00
C TRP A 98 15.00 -6.11 -18.47
N VAL A 99 13.94 -5.95 -17.69
CA VAL A 99 12.66 -6.60 -17.99
C VAL A 99 12.17 -6.24 -19.39
N PHE A 100 12.44 -5.01 -19.80
CA PHE A 100 11.91 -4.45 -21.04
C PHE A 100 12.92 -4.42 -22.19
N ARG A 101 14.08 -5.02 -21.98
CA ARG A 101 15.11 -5.07 -23.02
C ARG A 101 15.38 -6.49 -23.51
N ASP A 102 15.55 -6.61 -24.83
CA ASP A 102 15.93 -7.85 -25.50
C ASP A 102 17.20 -7.47 -26.25
N ASN A 103 18.33 -7.56 -25.53
CA ASN A 103 19.62 -7.06 -26.01
C ASN A 103 19.60 -5.58 -26.36
N ASP A 104 19.73 -5.27 -27.63
CA ASP A 104 19.79 -3.90 -28.12
C ASP A 104 18.44 -3.43 -28.66
N LYS A 105 17.41 -4.27 -28.53
CA LYS A 105 16.06 -3.95 -29.00
C LYS A 105 15.15 -3.86 -27.79
N GLU A 106 13.98 -3.23 -27.94
CA GLU A 106 12.98 -3.33 -26.90
C GLU A 106 12.42 -4.75 -26.90
N ALA A 107 12.01 -5.23 -25.73
CA ALA A 107 11.46 -6.57 -25.60
C ALA A 107 10.02 -6.59 -26.09
N PRO A 108 9.64 -7.62 -26.86
CA PRO A 108 8.25 -7.76 -27.33
C PRO A 108 7.30 -8.25 -26.25
N LYS A 109 6.01 -8.14 -26.53
CA LYS A 109 4.94 -8.51 -25.60
C LYS A 109 5.16 -9.86 -24.89
N GLU A 110 5.35 -10.93 -25.66
CA GLU A 110 5.40 -12.28 -25.08
C GLU A 110 6.63 -12.51 -24.19
N LEU A 111 7.76 -11.87 -24.52
CA LEU A 111 8.98 -12.00 -23.73
C LEU A 111 8.81 -11.33 -22.37
N VAL A 112 8.18 -10.16 -22.38
CA VAL A 112 7.88 -9.45 -21.13
C VAL A 112 6.91 -10.25 -20.28
N ILE A 113 5.87 -10.80 -20.91
CA ILE A 113 4.93 -11.65 -20.22
C ILE A 113 5.62 -12.88 -19.61
N GLU A 114 6.52 -13.51 -20.37
CA GLU A 114 7.22 -14.69 -19.88
C GLU A 114 8.15 -14.36 -18.70
N ARG A 115 8.82 -13.22 -18.75
CA ARG A 115 9.60 -12.75 -17.60
C ARG A 115 8.72 -12.45 -16.39
N LEU A 116 7.56 -11.85 -16.63
CA LEU A 116 6.61 -11.56 -15.56
C LEU A 116 6.12 -12.86 -14.92
N ARG A 117 5.77 -13.84 -15.77
CA ARG A 117 5.38 -15.18 -15.31
C ARG A 117 6.39 -15.77 -14.35
N GLU A 118 7.65 -15.72 -14.76
CA GLU A 118 8.71 -16.30 -13.95
C GLU A 118 8.94 -15.55 -12.64
N HIS A 119 8.84 -14.20 -12.69
CA HIS A 119 8.99 -13.36 -11.51
C HIS A 119 7.90 -13.66 -10.50
N ILE A 120 6.66 -13.65 -10.97
CA ILE A 120 5.54 -13.89 -10.09
C ILE A 120 5.61 -15.31 -9.53
N LYS A 121 5.84 -16.30 -10.38
CA LYS A 121 6.01 -17.68 -9.90
C LYS A 121 7.03 -17.73 -8.76
N THR A 122 8.20 -17.13 -8.98
CA THR A 122 9.27 -17.21 -7.99
C THR A 122 8.91 -16.55 -6.66
N ILE A 123 8.46 -15.30 -6.73
CA ILE A 123 8.15 -14.52 -5.53
C ILE A 123 6.94 -15.07 -4.78
N CYS A 124 5.86 -15.34 -5.52
CA CYS A 124 4.62 -15.79 -4.91
C CYS A 124 4.82 -17.17 -4.30
N THR A 125 5.56 -18.05 -4.98
CA THR A 125 5.83 -19.38 -4.41
C THR A 125 6.56 -19.26 -3.06
N ARG A 126 7.58 -18.41 -2.98
CA ARG A 126 8.40 -18.30 -1.78
C ARG A 126 7.66 -17.71 -0.56
N TYR A 127 6.69 -16.83 -0.81
CA TYR A 127 6.04 -16.10 0.28
C TYR A 127 4.52 -16.35 0.41
N ARG A 128 3.98 -17.26 -0.40
CA ARG A 128 2.51 -17.52 -0.37
C ARG A 128 1.99 -17.98 0.99
N ASP A 129 2.85 -18.61 1.78
CA ASP A 129 2.44 -19.18 3.05
C ASP A 129 2.26 -18.10 4.14
N VAL A 130 2.85 -16.92 3.95
CA VAL A 130 2.78 -15.85 4.95
C VAL A 130 2.04 -14.59 4.44
N VAL A 131 1.79 -14.51 3.13
CA VAL A 131 1.14 -13.35 2.55
C VAL A 131 -0.38 -13.56 2.48
N TYR A 132 -1.14 -12.63 3.07
CA TYR A 132 -2.60 -12.74 3.06
C TYR A 132 -3.25 -11.91 1.96
N SER A 133 -2.51 -10.91 1.47
CA SER A 133 -2.97 -10.05 0.39
C SER A 133 -1.79 -9.60 -0.46
N TRP A 134 -1.97 -9.64 -1.78
CA TRP A 134 -0.97 -9.17 -2.74
C TRP A 134 -1.41 -7.93 -3.48
N ASP A 135 -0.53 -6.93 -3.53
CA ASP A 135 -0.70 -5.83 -4.49
C ASP A 135 -0.17 -6.30 -5.85
N VAL A 136 -1.05 -6.90 -6.64
CA VAL A 136 -0.64 -7.50 -7.92
C VAL A 136 -0.27 -6.40 -8.92
N VAL A 137 -1.15 -5.40 -9.04
CA VAL A 137 -0.88 -4.22 -9.86
C VAL A 137 -1.06 -2.95 -9.02
N ASN A 138 -0.14 -2.01 -9.19
CA ASN A 138 -0.03 -0.81 -8.36
C ASN A 138 -0.05 0.42 -9.26
N ALA A 139 -0.99 1.33 -8.99
CA ALA A 139 -1.01 2.65 -9.64
C ALA A 139 -1.04 2.60 -11.17
N ALA A 140 -1.90 1.74 -11.72
CA ALA A 140 -2.04 1.58 -13.17
C ALA A 140 -3.02 2.61 -13.77
N VAL A 141 -3.89 3.17 -12.94
CA VAL A 141 -4.89 4.14 -13.43
C VAL A 141 -4.23 5.50 -13.61
N GLU A 142 -4.37 6.09 -14.80
CA GLU A 142 -3.83 7.42 -15.09
C GLU A 142 -4.38 8.47 -14.11
N ASP A 143 -3.45 9.17 -13.46
CA ASP A 143 -3.78 10.08 -12.36
C ASP A 143 -3.97 11.52 -12.81
N LYS A 144 -3.39 11.89 -13.95
CA LYS A 144 -3.47 13.27 -14.46
C LYS A 144 -4.56 13.44 -15.51
N THR A 145 -4.32 12.92 -16.72
CA THR A 145 -5.22 13.10 -17.87
C THR A 145 -6.51 12.25 -17.74
N ASP A 146 -7.43 12.35 -18.69
CA ASP A 146 -8.68 11.57 -18.64
C ASP A 146 -8.62 10.23 -19.39
N VAL A 147 -7.46 9.89 -19.92
CA VAL A 147 -7.24 8.53 -20.43
C VAL A 147 -7.29 7.59 -19.20
N LEU A 148 -7.79 6.37 -19.38
CA LEU A 148 -8.02 5.45 -18.26
C LEU A 148 -6.72 4.96 -17.63
N LEU A 149 -5.84 4.42 -18.47
CA LEU A 149 -4.65 3.74 -17.98
C LEU A 149 -3.39 4.57 -18.11
N ARG A 150 -2.59 4.57 -17.06
CA ARG A 150 -1.28 5.18 -17.07
C ARG A 150 -0.43 4.51 -18.14
N ASP A 151 0.32 5.29 -18.90
CA ASP A 151 1.11 4.70 -19.98
C ASP A 151 2.55 4.27 -19.65
N SER A 152 2.68 3.25 -18.82
CA SER A 152 3.96 2.67 -18.40
C SER A 152 4.54 1.70 -19.44
N LYS A 153 5.80 1.26 -19.28
CA LYS A 153 6.36 0.24 -20.16
C LYS A 153 5.57 -1.07 -20.09
N TRP A 154 5.05 -1.39 -18.90
CA TRP A 154 4.18 -2.56 -18.75
C TRP A 154 2.98 -2.42 -19.68
N ARG A 155 2.29 -1.29 -19.55
CA ARG A 155 1.05 -1.06 -20.29
C ARG A 155 1.30 -0.97 -21.80
N ARG A 156 2.35 -0.25 -22.19
CA ARG A 156 2.69 -0.12 -23.62
C ARG A 156 3.01 -1.45 -24.26
N ILE A 157 3.90 -2.23 -23.61
CA ILE A 157 4.47 -3.42 -24.26
C ILE A 157 3.52 -4.60 -24.19
N ILE A 158 2.99 -4.89 -23.00
CA ILE A 158 2.01 -5.98 -22.88
C ILE A 158 0.69 -5.62 -23.55
N GLY A 159 0.27 -4.36 -23.41
CA GLY A 159 -0.97 -3.90 -24.04
C GLY A 159 -2.11 -3.66 -23.05
N ASP A 160 -3.30 -3.50 -23.59
CA ASP A 160 -4.50 -3.10 -22.83
C ASP A 160 -4.95 -4.14 -21.79
N ASP A 161 -4.57 -5.40 -21.98
CA ASP A 161 -5.02 -6.48 -21.11
C ASP A 161 -4.03 -6.81 -20.00
N TYR A 162 -3.00 -5.99 -19.83
CA TYR A 162 -1.91 -6.37 -18.94
C TYR A 162 -2.36 -6.55 -17.50
N ILE A 163 -3.41 -5.83 -17.08
CA ILE A 163 -3.84 -5.98 -15.69
C ILE A 163 -4.44 -7.36 -15.49
N LYS A 164 -5.41 -7.75 -16.32
CA LYS A 164 -5.97 -9.11 -16.24
C LYS A 164 -4.87 -10.19 -16.30
N ILE A 165 -3.93 -10.01 -17.23
CA ILE A 165 -2.83 -10.96 -17.41
C ILE A 165 -2.01 -11.16 -16.12
N ALA A 166 -1.67 -10.05 -15.45
CA ALA A 166 -0.93 -10.09 -14.19
C ALA A 166 -1.71 -10.81 -13.10
N PHE A 167 -3.00 -10.50 -13.02
CA PHE A 167 -3.86 -11.14 -12.01
C PHE A 167 -4.02 -12.65 -12.27
N GLU A 168 -4.19 -13.05 -13.53
CA GLU A 168 -4.34 -14.48 -13.82
C GLU A 168 -3.05 -15.25 -13.52
N ILE A 169 -1.91 -14.64 -13.76
CA ILE A 169 -0.65 -15.28 -13.40
C ILE A 169 -0.55 -15.44 -11.89
N ALA A 170 -0.78 -14.37 -11.16
CA ALA A 170 -0.65 -14.39 -9.70
C ALA A 170 -1.60 -15.43 -9.08
N LYS A 171 -2.80 -15.56 -9.65
CA LYS A 171 -3.77 -16.49 -9.09
C LYS A 171 -3.27 -17.93 -9.06
N LYS A 172 -2.38 -18.29 -9.98
CA LYS A 172 -1.76 -19.61 -10.02
C LYS A 172 -0.94 -19.99 -8.78
N TYR A 173 -0.35 -18.99 -8.15
CA TYR A 173 0.74 -19.22 -7.18
C TYR A 173 0.45 -18.65 -5.79
N THR A 174 -0.72 -18.05 -5.60
CA THR A 174 -0.99 -17.29 -4.37
C THR A 174 -1.88 -18.02 -3.36
N GLY A 175 -2.48 -19.13 -3.77
CA GLY A 175 -3.30 -19.93 -2.87
C GLY A 175 -4.59 -19.24 -2.47
N ASN A 176 -4.68 -18.97 -1.17
CA ASN A 176 -5.83 -18.30 -0.57
C ASN A 176 -5.49 -16.84 -0.26
N GLY A 177 -4.32 -16.40 -0.71
CA GLY A 177 -3.95 -14.99 -0.57
C GLY A 177 -4.91 -14.20 -1.43
N LYS A 178 -5.34 -13.04 -0.94
CA LYS A 178 -6.26 -12.19 -1.71
C LYS A 178 -5.48 -11.28 -2.66
N LEU A 179 -6.02 -11.10 -3.87
CA LEU A 179 -5.36 -10.29 -4.90
C LEU A 179 -6.01 -8.93 -5.00
N PHE A 180 -5.18 -7.90 -4.83
CA PHE A 180 -5.63 -6.51 -4.82
C PHE A 180 -5.06 -5.68 -5.96
N TYR A 181 -5.89 -4.78 -6.44
CA TYR A 181 -5.45 -3.64 -7.21
C TYR A 181 -5.23 -2.48 -6.24
N ASN A 182 -4.04 -1.90 -6.25
CA ASN A 182 -3.66 -0.85 -5.30
C ASN A 182 -3.39 0.50 -6.00
N ASP A 183 -3.82 1.60 -5.37
CA ASP A 183 -3.63 2.94 -5.96
C ASP A 183 -3.82 4.07 -4.94
N TYR A 184 -3.39 5.27 -5.32
CA TYR A 184 -3.51 6.46 -4.48
C TYR A 184 -4.49 7.46 -5.11
N ASN A 185 -5.00 8.37 -4.29
CA ASN A 185 -5.99 9.37 -4.71
C ASN A 185 -7.29 8.73 -5.20
N ASN A 186 -7.44 7.43 -4.98
CA ASN A 186 -8.60 6.72 -5.51
C ASN A 186 -9.87 6.86 -4.67
N GLU A 187 -9.82 7.75 -3.69
CA GLU A 187 -11.01 8.22 -2.98
C GLU A 187 -11.54 9.52 -3.60
N MET A 188 -10.67 10.23 -4.32
CA MET A 188 -11.02 11.50 -4.99
C MET A 188 -11.96 11.28 -6.17
N PRO A 189 -12.98 12.15 -6.32
CA PRO A 189 -14.09 11.95 -7.28
C PRO A 189 -13.67 11.59 -8.71
N TYR A 190 -12.76 12.35 -9.30
CA TYR A 190 -12.30 12.13 -10.68
C TYR A 190 -11.66 10.74 -10.83
N LYS A 191 -10.83 10.36 -9.87
CA LYS A 191 -10.14 9.08 -9.93
C LYS A 191 -11.02 7.92 -9.47
N LEU A 192 -11.92 8.19 -8.53
CA LEU A 192 -12.92 7.19 -8.11
C LEU A 192 -13.76 6.68 -9.28
N GLU A 193 -14.35 7.61 -10.04
CA GLU A 193 -15.15 7.25 -11.22
C GLU A 193 -14.33 6.42 -12.22
N LYS A 194 -13.10 6.86 -12.46
CA LYS A 194 -12.22 6.19 -13.43
C LYS A 194 -11.78 4.79 -12.96
N THR A 195 -11.41 4.68 -11.68
CA THR A 195 -11.02 3.41 -11.09
C THR A 195 -12.19 2.41 -11.08
N TYR A 196 -13.37 2.89 -10.65
CA TYR A 196 -14.58 2.08 -10.67
C TYR A 196 -14.80 1.43 -12.05
N LYS A 197 -14.68 2.25 -13.10
CA LYS A 197 -14.84 1.78 -14.47
C LYS A 197 -13.86 0.67 -14.81
N VAL A 198 -12.58 0.92 -14.54
CA VAL A 198 -11.53 -0.06 -14.83
C VAL A 198 -11.79 -1.36 -14.06
N LEU A 199 -12.12 -1.27 -12.78
CA LEU A 199 -12.31 -2.48 -11.96
C LEU A 199 -13.57 -3.25 -12.36
N LYS A 200 -14.65 -2.54 -12.64
CA LYS A 200 -15.89 -3.17 -13.09
C LYS A 200 -15.63 -4.01 -14.35
N SER A 201 -14.92 -3.42 -15.31
CA SER A 201 -14.59 -4.14 -16.54
C SER A 201 -13.67 -5.36 -16.30
N LEU A 202 -12.68 -5.23 -15.43
CA LEU A 202 -11.80 -6.37 -15.11
C LEU A 202 -12.63 -7.56 -14.64
N LEU A 203 -13.58 -7.27 -13.75
CA LEU A 203 -14.41 -8.30 -13.13
C LEU A 203 -15.34 -8.97 -14.14
N GLU A 204 -15.91 -8.17 -15.04
CA GLU A 204 -16.79 -8.69 -16.09
C GLU A 204 -16.00 -9.56 -17.06
N GLU A 205 -14.68 -9.39 -17.09
CA GLU A 205 -13.80 -10.19 -17.94
C GLU A 205 -13.25 -11.43 -17.19
N GLY A 206 -13.76 -11.71 -16.00
CA GLY A 206 -13.30 -12.84 -15.19
C GLY A 206 -11.93 -12.68 -14.55
N THR A 207 -11.50 -11.44 -14.31
CA THR A 207 -10.23 -11.21 -13.60
C THR A 207 -10.39 -11.66 -12.15
N PRO A 208 -9.45 -12.47 -11.63
CA PRO A 208 -9.59 -12.91 -10.23
C PRO A 208 -9.08 -11.84 -9.25
N ILE A 209 -9.68 -10.66 -9.28
CA ILE A 209 -9.34 -9.58 -8.34
C ILE A 209 -10.29 -9.66 -7.13
N ASP A 210 -9.73 -9.71 -5.93
CA ASP A 210 -10.54 -9.79 -4.71
C ASP A 210 -10.90 -8.44 -4.10
N GLY A 211 -10.03 -7.45 -4.30
CA GLY A 211 -10.26 -6.14 -3.69
C GLY A 211 -9.47 -4.98 -4.24
N VAL A 212 -9.73 -3.80 -3.66
CA VAL A 212 -9.05 -2.56 -3.97
C VAL A 212 -8.27 -2.09 -2.76
N GLY A 213 -7.04 -1.68 -3.01
CA GLY A 213 -6.25 -0.97 -2.03
C GLY A 213 -6.44 0.52 -2.25
N ILE A 214 -6.85 1.21 -1.18
CA ILE A 214 -6.89 2.66 -1.12
C ILE A 214 -5.63 3.07 -0.33
N GLN A 215 -4.66 3.65 -1.02
CA GLN A 215 -3.35 3.91 -0.39
C GLN A 215 -3.48 4.88 0.78
N ALA A 216 -4.33 5.90 0.64
CA ALA A 216 -4.62 6.81 1.74
C ALA A 216 -3.42 7.67 2.11
N HIS A 217 -2.73 8.20 1.09
CA HIS A 217 -1.68 9.16 1.33
C HIS A 217 -2.34 10.51 1.42
N TRP A 218 -2.73 10.84 2.64
CA TRP A 218 -3.61 11.95 2.92
C TRP A 218 -2.92 13.11 3.60
N ASN A 219 -3.67 14.18 3.84
CA ASN A 219 -3.16 15.33 4.57
C ASN A 219 -4.27 16.04 5.35
N ILE A 220 -3.88 16.82 6.35
CA ILE A 220 -4.82 17.44 7.28
C ILE A 220 -5.77 18.51 6.71
N TRP A 221 -5.48 19.01 5.51
CA TRP A 221 -6.18 20.17 4.96
C TRP A 221 -7.27 19.86 3.96
N ASP A 222 -7.46 18.58 3.67
CA ASP A 222 -8.47 18.11 2.73
C ASP A 222 -9.84 18.14 3.42
N LYS A 223 -10.61 19.20 3.16
CA LYS A 223 -11.95 19.35 3.74
C LYS A 223 -12.97 18.41 3.06
N ASN A 224 -12.53 17.71 2.02
CA ASN A 224 -13.39 16.80 1.26
C ASN A 224 -13.15 15.32 1.57
N LEU A 225 -12.13 15.04 2.38
CA LEU A 225 -11.67 13.66 2.62
C LEU A 225 -12.74 12.70 3.13
N ILE A 226 -13.48 13.12 4.17
CA ILE A 226 -14.45 12.25 4.82
C ILE A 226 -15.58 11.85 3.86
N ASP A 227 -16.14 12.85 3.19
CA ASP A 227 -17.14 12.62 2.14
C ASP A 227 -16.55 11.78 0.98
N ASN A 228 -15.31 12.07 0.61
CA ASN A 228 -14.62 11.30 -0.43
C ASN A 228 -14.40 9.84 -0.03
N LEU A 229 -13.97 9.62 1.21
CA LEU A 229 -13.66 8.28 1.71
C LEU A 229 -14.93 7.42 1.83
N LYS A 230 -15.97 7.98 2.42
CA LYS A 230 -17.24 7.27 2.58
C LYS A 230 -17.81 6.85 1.23
N ARG A 231 -17.75 7.77 0.27
CA ARG A 231 -18.20 7.51 -1.08
C ARG A 231 -17.42 6.33 -1.67
N ALA A 232 -16.10 6.47 -1.68
CA ALA A 232 -15.19 5.50 -2.28
C ALA A 232 -15.40 4.10 -1.71
N ILE A 233 -15.37 3.98 -0.38
CA ILE A 233 -15.59 2.69 0.29
C ILE A 233 -16.89 2.05 -0.20
N GLU A 234 -17.97 2.84 -0.25
CA GLU A 234 -19.27 2.36 -0.73
C GLU A 234 -19.28 2.00 -2.22
N THR A 235 -18.66 2.85 -3.04
CA THR A 235 -18.59 2.63 -4.48
C THR A 235 -17.80 1.35 -4.83
N TYR A 236 -16.68 1.13 -4.16
CA TYR A 236 -15.90 -0.09 -4.39
C TYR A 236 -16.62 -1.33 -3.83
N ALA A 237 -17.29 -1.18 -2.69
CA ALA A 237 -18.06 -2.26 -2.06
C ALA A 237 -19.17 -2.78 -2.97
N SER A 238 -19.78 -1.87 -3.74
CA SER A 238 -20.85 -2.23 -4.68
C SER A 238 -20.40 -3.22 -5.76
N LEU A 239 -19.11 -3.22 -6.07
CA LEU A 239 -18.55 -4.17 -7.04
C LEU A 239 -18.32 -5.54 -6.41
N GLY A 240 -18.54 -5.65 -5.10
CA GLY A 240 -18.29 -6.88 -4.35
C GLY A 240 -16.84 -7.07 -3.98
N LEU A 241 -16.09 -5.97 -3.89
CA LEU A 241 -14.66 -6.04 -3.59
C LEU A 241 -14.37 -5.83 -2.09
N GLU A 242 -13.37 -6.56 -1.59
CA GLU A 242 -12.78 -6.26 -0.29
C GLU A 242 -12.13 -4.87 -0.39
N ILE A 243 -12.03 -4.18 0.74
CA ILE A 243 -11.29 -2.93 0.81
C ILE A 243 -10.14 -3.08 1.78
N GLN A 244 -8.97 -2.61 1.37
CA GLN A 244 -7.88 -2.44 2.31
C GLN A 244 -7.32 -1.05 2.20
N ILE A 245 -7.08 -0.45 3.36
CA ILE A 245 -6.37 0.80 3.45
C ILE A 245 -4.92 0.37 3.61
N THR A 246 -4.11 0.69 2.61
CA THR A 246 -2.84 0.00 2.42
C THR A 246 -1.61 0.78 2.85
N GLU A 247 -1.66 2.11 2.77
CA GLU A 247 -0.46 2.93 3.02
C GLU A 247 -0.79 4.22 3.77
N LEU A 248 -1.64 4.11 4.79
CA LEU A 248 -2.15 5.27 5.52
C LEU A 248 -1.05 6.14 6.10
N ASP A 249 -1.06 7.41 5.70
CA ASP A 249 -0.37 8.46 6.43
C ASP A 249 -1.07 9.80 6.20
N ILE A 250 -0.91 10.70 7.17
CA ILE A 250 -1.60 11.99 7.14
C ILE A 250 -0.58 13.11 7.32
N SER A 251 -0.16 13.66 6.20
CA SER A 251 0.84 14.72 6.17
C SER A 251 0.29 16.00 6.80
N VAL A 252 1.19 16.77 7.41
CA VAL A 252 0.81 18.08 7.92
C VAL A 252 0.82 19.17 6.82
N PHE A 253 1.39 18.82 5.66
CA PHE A 253 1.49 19.74 4.53
C PHE A 253 0.46 19.42 3.45
N GLU A 254 -0.07 20.45 2.81
CA GLU A 254 -0.74 20.27 1.51
C GLU A 254 0.33 19.79 0.54
N PHE A 255 -0.06 18.97 -0.43
CA PHE A 255 0.93 18.34 -1.32
C PHE A 255 1.87 19.32 -2.01
N GLU A 256 1.37 20.50 -2.38
CA GLU A 256 2.17 21.48 -3.10
C GLU A 256 2.78 22.58 -2.20
N ASP A 257 2.57 22.44 -0.89
CA ASP A 257 3.31 23.25 0.09
C ASP A 257 4.68 22.62 0.32
N ARG A 258 5.70 23.20 -0.29
CA ARG A 258 7.04 22.65 -0.24
C ARG A 258 7.93 23.36 0.79
N ARG A 259 7.30 23.98 1.80
CA ARG A 259 8.07 24.71 2.81
C ARG A 259 9.01 23.75 3.53
N THR A 260 10.21 24.24 3.83
CA THR A 260 11.24 23.42 4.47
C THR A 260 11.61 23.98 5.86
N ASP A 261 10.84 24.97 6.33
CA ASP A 261 11.17 25.71 7.56
C ASP A 261 10.81 25.00 8.87
N LEU A 262 9.73 24.21 8.86
CA LEU A 262 9.18 23.66 10.11
C LEU A 262 10.10 22.65 10.77
N LEU A 263 10.46 22.93 12.03
CA LEU A 263 11.20 22.01 12.87
C LEU A 263 10.25 21.08 13.63
N GLU A 264 8.99 21.50 13.75
CA GLU A 264 7.98 20.72 14.45
C GLU A 264 6.59 21.03 13.91
N PRO A 265 5.63 20.13 14.14
CA PRO A 265 4.27 20.48 13.78
C PRO A 265 3.70 21.56 14.71
N THR A 266 2.88 22.45 14.14
CA THR A 266 2.21 23.50 14.89
C THR A 266 1.04 22.90 15.65
N GLU A 267 0.54 23.63 16.63
CA GLU A 267 -0.56 23.16 17.46
C GLU A 267 -1.82 22.89 16.64
N GLU A 268 -2.15 23.80 15.73
CA GLU A 268 -3.28 23.60 14.82
C GLU A 268 -3.12 22.32 13.99
N MET A 269 -1.89 22.06 13.55
CA MET A 269 -1.57 20.87 12.74
C MET A 269 -1.72 19.58 13.53
N VAL A 270 -1.08 19.51 14.70
CA VAL A 270 -1.18 18.36 15.60
C VAL A 270 -2.66 18.04 15.90
N GLU A 271 -3.43 19.06 16.23
CA GLU A 271 -4.83 18.88 16.63
C GLU A 271 -5.75 18.57 15.45
N LEU A 272 -5.48 19.15 14.29
CA LEU A 272 -6.25 18.85 13.09
C LEU A 272 -6.00 17.40 12.66
N GLN A 273 -4.76 16.95 12.84
CA GLN A 273 -4.38 15.59 12.47
C GLN A 273 -5.20 14.59 13.27
N ALA A 274 -5.23 14.81 14.59
CA ALA A 274 -6.00 13.99 15.52
C ALA A 274 -7.46 13.89 15.06
N LYS A 275 -8.08 15.02 14.77
CA LYS A 275 -9.47 15.05 14.27
C LYS A 275 -9.64 14.22 12.99
N VAL A 276 -8.71 14.37 12.05
CA VAL A 276 -8.76 13.64 10.79
C VAL A 276 -8.53 12.13 10.97
N TYR A 277 -7.55 11.73 11.79
CA TYR A 277 -7.40 10.33 12.18
C TYR A 277 -8.67 9.77 12.85
N GLU A 278 -9.24 10.53 13.77
CA GLU A 278 -10.55 10.20 14.36
C GLU A 278 -11.58 9.98 13.27
N ASP A 279 -11.70 10.97 12.39
CA ASP A 279 -12.74 10.97 11.38
C ASP A 279 -12.59 9.79 10.41
N VAL A 280 -11.35 9.50 9.99
CA VAL A 280 -11.11 8.38 9.06
C VAL A 280 -11.30 7.01 9.70
N PHE A 281 -10.79 6.83 10.91
CA PHE A 281 -10.94 5.56 11.64
C PHE A 281 -12.36 5.28 12.12
N ARG A 282 -13.16 6.32 12.35
CA ARG A 282 -14.59 6.13 12.63
C ARG A 282 -15.25 5.60 11.37
N VAL A 283 -14.85 6.16 10.23
CA VAL A 283 -15.31 5.67 8.94
C VAL A 283 -14.81 4.23 8.71
N PHE A 284 -13.55 3.95 9.04
CA PHE A 284 -13.03 2.56 8.92
C PHE A 284 -13.87 1.61 9.79
N ARG A 285 -14.14 2.02 11.03
CA ARG A 285 -14.94 1.22 11.96
C ARG A 285 -16.36 1.02 11.43
N GLU A 286 -16.93 2.06 10.85
CA GLU A 286 -18.28 2.00 10.28
C GLU A 286 -18.37 0.96 9.17
N TYR A 287 -17.30 0.81 8.39
CA TYR A 287 -17.28 -0.12 7.27
C TYR A 287 -16.48 -1.38 7.58
N ARG A 288 -16.61 -1.87 8.81
CA ARG A 288 -15.84 -3.02 9.28
C ARG A 288 -16.16 -4.29 8.49
N ASP A 289 -17.38 -4.38 7.99
CA ASP A 289 -17.82 -5.53 7.19
C ASP A 289 -17.11 -5.68 5.85
N VAL A 290 -16.61 -4.57 5.30
CA VAL A 290 -16.02 -4.58 3.96
C VAL A 290 -14.51 -4.32 4.00
N ILE A 291 -14.04 -3.68 5.08
CA ILE A 291 -12.62 -3.39 5.24
C ILE A 291 -11.95 -4.54 5.99
N THR A 292 -10.92 -5.11 5.39
CA THR A 292 -10.29 -6.30 5.96
C THR A 292 -8.91 -6.03 6.56
N SER A 293 -8.35 -4.86 6.25
CA SER A 293 -7.01 -4.51 6.71
C SER A 293 -6.75 -3.01 6.59
N VAL A 294 -6.13 -2.45 7.62
CA VAL A 294 -5.67 -1.07 7.60
C VAL A 294 -4.20 -1.07 7.99
N THR A 295 -3.37 -0.59 7.06
CA THR A 295 -1.93 -0.51 7.20
C THR A 295 -1.48 0.94 7.16
N LEU A 296 -0.60 1.31 8.07
CA LEU A 296 0.01 2.63 8.05
C LEU A 296 1.39 2.57 7.43
N TRP A 297 1.75 3.59 6.66
CA TRP A 297 2.98 3.53 5.87
C TRP A 297 4.18 3.93 6.69
N GLY A 298 4.40 3.19 7.76
CA GLY A 298 5.45 3.47 8.72
C GLY A 298 4.93 3.20 10.11
N ILE A 299 5.84 3.22 11.08
CA ILE A 299 5.53 2.91 12.47
C ILE A 299 5.41 4.22 13.24
N SER A 300 6.51 4.97 13.30
CA SER A 300 6.56 6.27 13.97
C SER A 300 7.09 7.37 13.05
N ASP A 301 6.99 8.62 13.49
CA ASP A 301 7.48 9.78 12.72
C ASP A 301 9.02 9.81 12.60
N ARG A 302 9.67 8.82 13.22
CA ARG A 302 11.13 8.69 13.14
C ARG A 302 11.61 8.24 11.75
N HIS A 303 10.80 7.44 11.07
CA HIS A 303 11.14 6.96 9.73
C HIS A 303 9.89 7.03 8.90
N THR A 304 9.88 7.95 7.95
CA THR A 304 8.76 8.11 7.04
C THR A 304 9.25 8.57 5.69
N TRP A 305 8.71 7.97 4.63
CA TRP A 305 9.06 8.40 3.27
C TRP A 305 8.65 9.85 3.04
N LYS A 306 7.73 10.34 3.86
CA LYS A 306 7.25 11.73 3.73
C LYS A 306 8.33 12.79 4.04
N ASP A 307 9.44 12.36 4.64
CA ASP A 307 10.60 13.22 4.87
C ASP A 307 11.38 13.54 3.60
N ASN A 308 11.15 12.74 2.55
CA ASN A 308 11.83 12.93 1.28
C ASN A 308 10.90 13.01 0.07
N PHE A 309 9.59 12.89 0.31
CA PHE A 309 8.60 13.07 -0.75
C PHE A 309 7.40 13.87 -0.26
N PRO A 310 7.02 14.93 -0.99
CA PRO A 310 7.57 15.35 -2.29
C PRO A 310 8.82 16.22 -2.28
N VAL A 311 9.33 16.53 -1.09
CA VAL A 311 10.50 17.38 -0.97
C VAL A 311 11.64 16.63 -0.33
N ILE A 312 12.76 16.53 -1.03
CA ILE A 312 13.95 15.89 -0.49
C ILE A 312 14.44 16.66 0.74
N GLY A 313 14.56 15.96 1.86
CA GLY A 313 15.28 16.46 3.03
C GLY A 313 14.57 17.43 3.95
N ARG A 314 13.25 17.37 4.03
CA ARG A 314 12.56 18.11 5.09
C ARG A 314 12.03 17.11 6.13
N LYS A 315 11.08 17.52 6.95
CA LYS A 315 10.50 16.63 7.92
C LYS A 315 8.98 16.72 7.88
N ASP A 316 8.33 15.57 7.99
CA ASP A 316 6.87 15.52 8.11
C ASP A 316 6.53 14.69 9.37
N TRP A 317 5.30 14.76 9.84
CA TRP A 317 4.90 14.03 11.07
C TRP A 317 3.56 13.32 10.86
N PRO A 318 3.56 12.31 9.98
CA PRO A 318 2.37 11.77 9.34
C PRO A 318 1.66 10.60 10.04
N LEU A 319 2.27 10.03 11.08
CA LEU A 319 1.86 8.72 11.57
C LEU A 319 1.20 8.76 12.97
N LEU A 320 1.00 7.60 13.59
CA LEU A 320 0.28 7.51 14.88
C LEU A 320 1.19 7.58 16.11
N PHE A 321 2.49 7.37 15.89
CA PHE A 321 3.50 7.46 16.95
C PHE A 321 4.50 8.54 16.60
N ASP A 322 4.96 9.30 17.59
CA ASP A 322 5.87 10.44 17.34
C ASP A 322 7.34 10.02 17.22
N ILE A 323 8.22 11.01 17.01
CA ILE A 323 9.66 10.76 16.79
C ILE A 323 10.35 10.00 17.92
N ASP A 324 9.78 10.06 19.12
CA ASP A 324 10.30 9.33 20.28
C ASP A 324 9.75 7.90 20.35
N GLY A 325 8.60 7.68 19.71
CA GLY A 325 7.94 6.37 19.72
C GLY A 325 6.67 6.34 20.55
N LYS A 326 6.33 7.48 21.15
CA LYS A 326 5.14 7.58 22.01
C LYS A 326 3.88 7.70 21.18
N PRO A 327 2.79 7.05 21.63
CA PRO A 327 1.49 7.23 20.98
C PRO A 327 1.06 8.70 21.02
N LYS A 328 0.62 9.22 19.88
CA LYS A 328 0.18 10.60 19.78
C LYS A 328 -1.26 10.70 20.26
N LYS A 329 -1.75 11.91 20.50
CA LYS A 329 -3.14 12.07 20.93
C LYS A 329 -4.10 11.48 19.89
N ALA A 330 -3.64 11.47 18.63
CA ALA A 330 -4.33 10.80 17.54
C ALA A 330 -4.51 9.30 17.81
N PHE A 331 -3.47 8.65 18.33
CA PHE A 331 -3.55 7.23 18.70
C PHE A 331 -4.71 6.98 19.66
N PHE A 332 -4.73 7.74 20.76
CA PHE A 332 -5.72 7.53 21.81
C PHE A 332 -7.15 7.84 21.35
N ARG A 333 -7.27 8.71 20.35
CA ARG A 333 -8.56 9.00 19.74
C ARG A 333 -9.16 7.80 18.99
N ILE A 334 -8.35 7.15 18.15
CA ILE A 334 -8.81 6.04 17.32
C ILE A 334 -9.07 4.74 18.10
N ILE A 335 -8.58 4.68 19.33
CA ILE A 335 -8.82 3.55 20.25
C ILE A 335 -9.86 3.85 21.30
N ASP A 336 -10.56 4.97 21.17
CA ASP A 336 -11.58 5.29 22.14
C ASP A 336 -12.87 4.99 21.47
N PHE A 337 -13.32 3.77 21.72
CA PHE A 337 -14.50 3.29 21.08
C PHE A 337 -15.09 2.11 21.82
O1 XYP B . 2.02 4.75 -4.44
C1 XYP B . 2.87 4.45 -3.35
C2 XYP B . 3.57 3.13 -3.58
C3 XYP B . 4.67 2.87 -2.55
C4 XYP B . 5.59 4.08 -2.40
C5 XYP B . 4.72 5.30 -2.11
O2 XYP B . 2.62 2.08 -3.56
O3 XYP B . 5.43 1.71 -2.88
O4 XYP B . 6.48 3.83 -1.33
O5 XYP B . 3.82 5.49 -3.19
C1 XYP B . 7.70 4.54 -1.39
C2 XYP B . 8.61 4.21 -0.22
C3 XYP B . 9.94 4.93 -0.32
C4 XYP B . 10.54 4.82 -1.72
C5 XYP B . 9.48 5.15 -2.77
O2 XYP B . 7.94 4.54 0.98
O3 XYP B . 10.85 4.41 0.63
O4 XYP B . 11.63 5.69 -1.85
O5 XYP B . 8.38 4.31 -2.60
C1 XYP B . 12.61 5.25 -2.74
C2 XYP B . 13.53 6.42 -3.08
C3 XYP B . 14.65 5.94 -3.96
C4 XYP B . 15.37 4.76 -3.32
C5 XYP B . 14.36 3.69 -2.92
O2 XYP B . 12.80 7.44 -3.73
O3 XYP B . 15.57 6.99 -4.14
O4 XYP B . 16.30 4.22 -4.24
O5 XYP B . 13.36 4.25 -2.10
#